data_3KF4
#
_entry.id   3KF4
#
_cell.length_a   71.830
_cell.length_b   58.720
_cell.length_c   76.170
_cell.angle_alpha   90.000
_cell.angle_beta   118.320
_cell.angle_gamma   90.000
#
_symmetry.space_group_name_H-M   'P 1 21 1'
#
loop_
_entity.id
_entity.type
_entity.pdbx_description
1 polymer 'Tyrosine-protein kinase ABL1'
2 non-polymer N-[4-(dimethylphosphoryl)phenyl]-9-[(E)-2-(5-methyl-1H-indazol-4-yl)ethenyl]-9H-purin-6-amine
3 water water
#
_entity_poly.entity_id   1
_entity_poly.type   'polypeptide(L)'
_entity_poly.pdbx_seq_one_letter_code
;GSPNYDKWEMERTDITMKHKLGGGQYGEVYEGVWKKYSLTVAVKTLKEDTMEVEEFLKEAAVMKEIKHPNLVQLLGVCTR
EPPFYIITEFMTYGNLLDYLRECNRQEVSAVVLLYMATQISSAMEYLEKKNFIHRDLAARNCLVGENHLVKVADFGLSRL
MTGDTYTAHAGAKFPIKWTAPESLAYNKFSIKSDVWAFGVLLWEIATYGMSPYPGIDLSQVYELLEKDYRMERPEGCPEK
VYELMRACWQWNPSDRPSFAEIHQAFETMFQESSISDEVEKELGKRGT
;
_entity_poly.pdbx_strand_id   A,B
#
# COMPACT_ATOMS: atom_id res chain seq x y z
N SER A 2 21.62 29.91 -20.29
CA SER A 2 20.69 29.73 -21.44
C SER A 2 19.24 29.84 -20.99
N PRO A 3 18.33 30.18 -21.92
CA PRO A 3 16.97 30.61 -21.53
C PRO A 3 16.10 29.57 -20.87
N ASN A 4 16.31 28.28 -21.17
CA ASN A 4 15.52 27.25 -20.52
C ASN A 4 16.27 26.49 -19.44
N TYR A 5 17.33 27.09 -18.91
CA TYR A 5 18.10 26.45 -17.86
C TYR A 5 17.19 26.22 -16.65
N ASP A 6 17.26 25.04 -16.06
CA ASP A 6 16.61 24.76 -14.78
C ASP A 6 17.59 23.91 -13.98
N LYS A 7 18.01 24.42 -12.83
CA LYS A 7 19.09 23.78 -12.11
C LYS A 7 18.75 22.33 -11.73
N TRP A 8 17.47 22.00 -11.58
CA TRP A 8 17.10 20.67 -11.14
C TRP A 8 16.83 19.67 -12.25
N GLU A 9 16.44 20.17 -13.42
CA GLU A 9 16.00 19.27 -14.48
C GLU A 9 17.18 18.52 -15.09
N MET A 10 17.16 17.19 -14.97
CA MET A 10 18.18 16.37 -15.59
C MET A 10 17.64 15.71 -16.85
N GLU A 11 18.53 15.23 -17.70
CA GLU A 11 18.10 14.46 -18.86
C GLU A 11 17.88 12.99 -18.48
N ARG A 12 16.73 12.47 -18.83
CA ARG A 12 16.34 11.11 -18.49
C ARG A 12 17.41 10.10 -18.90
N THR A 13 18.10 10.39 -20.00
CA THR A 13 19.04 9.44 -20.56
C THR A 13 20.34 9.44 -19.77
N ASP A 14 20.47 10.37 -18.83
CA ASP A 14 21.63 10.35 -17.94
C ASP A 14 21.55 9.21 -16.94
N ILE A 15 20.35 8.65 -16.77
CA ILE A 15 20.10 7.66 -15.74
C ILE A 15 19.81 6.28 -16.34
N THR A 16 20.54 5.27 -15.85
CA THR A 16 20.14 3.88 -16.05
C THR A 16 19.27 3.41 -14.88
N MET A 17 18.09 2.91 -15.21
CA MET A 17 17.22 2.29 -14.23
C MET A 17 17.61 0.83 -14.10
N LYS A 18 18.07 0.44 -12.91
CA LYS A 18 18.58 -0.91 -12.75
C LYS A 18 17.50 -1.91 -12.39
N HIS A 19 16.81 -1.68 -11.27
CA HIS A 19 15.78 -2.60 -10.81
C HIS A 19 14.92 -1.90 -9.77
N LYS A 20 13.71 -2.41 -9.57
CA LYS A 20 12.79 -1.81 -8.62
C LYS A 20 13.21 -2.19 -7.21
N LEU A 21 13.26 -1.20 -6.33
CA LEU A 21 13.78 -1.40 -4.99
C LEU A 21 12.81 -2.06 -4.00
N GLY A 22 13.39 -2.77 -3.04
CA GLY A 22 12.62 -3.25 -1.90
C GLY A 22 11.79 -4.47 -2.27
N GLY A 23 10.47 -4.34 -2.18
CA GLY A 23 9.62 -5.39 -2.70
C GLY A 23 8.33 -4.83 -3.25
N GLY A 24 8.44 -3.97 -4.26
CA GLY A 24 7.29 -3.18 -4.68
C GLY A 24 6.74 -2.42 -3.48
N GLN A 25 7.37 -2.63 -2.32
CA GLN A 25 6.89 -2.07 -1.07
C GLN A 25 7.13 -0.56 -1.03
N TYR A 26 8.05 -0.09 -1.85
CA TYR A 26 8.28 1.34 -1.96
C TYR A 26 7.52 1.95 -3.13
N GLY A 27 6.69 1.13 -3.78
CA GLY A 27 6.06 1.54 -5.01
C GLY A 27 7.07 1.62 -6.14
N GLU A 28 6.97 2.68 -6.93
CA GLU A 28 7.78 2.82 -8.15
C GLU A 28 9.07 3.58 -7.83
N VAL A 29 9.86 3.01 -6.94
CA VAL A 29 11.19 3.53 -6.63
C VAL A 29 12.23 2.51 -7.09
N TYR A 30 13.20 2.99 -7.87
CA TYR A 30 14.20 2.13 -8.52
C TYR A 30 15.59 2.48 -8.04
N GLU A 31 16.47 1.51 -7.99
CA GLU A 31 17.89 1.80 -7.90
C GLU A 31 18.35 2.11 -9.31
N GLY A 32 19.06 3.23 -9.48
CA GLY A 32 19.57 3.61 -10.77
C GLY A 32 21.05 3.97 -10.73
N VAL A 33 21.61 4.27 -11.88
CA VAL A 33 22.95 4.81 -11.93
C VAL A 33 22.95 6.10 -12.73
N TRP A 34 23.61 7.10 -12.18
CA TRP A 34 23.91 8.31 -12.92
C TRP A 34 25.17 8.01 -13.73
N LYS A 35 25.00 7.58 -14.98
CA LYS A 35 26.08 6.91 -15.68
C LYS A 35 27.33 7.78 -15.79
N LYS A 36 27.13 9.08 -16.01
CA LYS A 36 28.25 10.01 -16.18
C LYS A 36 29.27 9.84 -15.04
N TYR A 37 28.74 9.63 -13.84
CA TYR A 37 29.56 9.62 -12.63
C TYR A 37 29.68 8.25 -12.00
N SER A 38 29.01 7.27 -12.59
CA SER A 38 28.97 5.94 -12.02
C SER A 38 28.40 5.97 -10.59
N LEU A 39 27.53 6.95 -10.32
CA LEU A 39 26.93 7.07 -9.01
C LEU A 39 25.60 6.32 -8.97
N THR A 40 25.47 5.44 -7.99
CA THR A 40 24.18 4.82 -7.67
C THR A 40 23.23 5.86 -7.12
N VAL A 41 22.02 5.90 -7.66
CA VAL A 41 21.01 6.81 -7.18
C VAL A 41 19.72 6.04 -6.94
N ALA A 42 18.73 6.71 -6.38
CA ALA A 42 17.39 6.15 -6.30
C ALA A 42 16.53 7.03 -7.20
N VAL A 43 15.55 6.41 -7.85
CA VAL A 43 14.72 7.13 -8.79
C VAL A 43 13.28 6.76 -8.57
N LYS A 44 12.43 7.74 -8.32
CA LYS A 44 11.00 7.47 -8.21
C LYS A 44 10.36 7.91 -9.52
N THR A 45 9.52 7.06 -10.09
CA THR A 45 8.90 7.39 -11.37
C THR A 45 7.39 7.29 -11.29
N LEU A 46 6.71 7.91 -12.24
CA LEU A 46 5.26 7.89 -12.19
C LEU A 46 4.72 6.88 -13.18
N LYS A 47 4.54 7.30 -14.42
CA LYS A 47 3.79 6.53 -15.40
C LYS A 47 3.96 5.01 -15.25
N VAL A 53 -0.54 12.59 -11.03
CA VAL A 53 0.62 13.43 -11.35
C VAL A 53 0.82 14.60 -10.39
N GLU A 54 -0.27 15.27 -10.02
CA GLU A 54 -0.14 16.47 -9.20
C GLU A 54 0.60 16.20 -7.90
N GLU A 55 0.31 15.04 -7.31
CA GLU A 55 0.91 14.64 -6.04
C GLU A 55 2.40 14.37 -6.22
N PHE A 56 2.72 13.78 -7.37
CA PHE A 56 4.11 13.52 -7.72
C PHE A 56 4.85 14.84 -7.85
N LEU A 57 4.31 15.73 -8.67
CA LEU A 57 4.95 17.01 -8.94
C LEU A 57 5.07 17.85 -7.67
N LYS A 58 4.11 17.69 -6.76
CA LYS A 58 4.14 18.45 -5.53
C LYS A 58 5.27 17.95 -4.64
N GLU A 59 5.51 16.64 -4.66
CA GLU A 59 6.63 16.13 -3.87
C GLU A 59 7.94 16.63 -4.47
N ALA A 60 8.00 16.62 -5.80
CA ALA A 60 9.17 17.13 -6.52
C ALA A 60 9.39 18.61 -6.17
N ALA A 61 8.32 19.40 -6.19
CA ALA A 61 8.47 20.82 -5.86
C ALA A 61 8.99 21.03 -4.42
N VAL A 62 8.40 20.32 -3.46
CA VAL A 62 8.82 20.46 -2.06
C VAL A 62 10.28 20.11 -1.82
N MET A 63 10.78 19.07 -2.48
CA MET A 63 12.13 18.61 -2.23
C MET A 63 13.18 19.58 -2.72
N LYS A 64 12.80 20.43 -3.67
CA LYS A 64 13.70 21.47 -4.14
C LYS A 64 13.93 22.56 -3.08
N GLU A 65 13.03 22.66 -2.10
CA GLU A 65 12.99 23.77 -1.16
C GLU A 65 13.61 23.44 0.20
N ILE A 66 13.88 22.17 0.43
CA ILE A 66 14.38 21.76 1.73
C ILE A 66 15.72 21.06 1.55
N LYS A 67 16.64 21.34 2.46
CA LYS A 67 17.95 20.75 2.38
C LYS A 67 18.53 20.63 3.79
N HIS A 68 19.03 19.45 4.11
CA HIS A 68 19.50 19.21 5.46
C HIS A 68 20.19 17.88 5.49
N PRO A 69 21.23 17.73 6.33
CA PRO A 69 22.02 16.50 6.47
C PRO A 69 21.16 15.27 6.75
N ASN A 70 19.98 15.49 7.34
CA ASN A 70 19.11 14.37 7.69
C ASN A 70 17.76 14.40 6.94
N LEU A 71 17.75 15.03 5.76
CA LEU A 71 16.66 14.88 4.77
C LEU A 71 17.23 14.25 3.49
N VAL A 72 16.55 13.22 2.99
CA VAL A 72 17.08 12.54 1.83
C VAL A 72 17.29 13.56 0.71
N GLN A 73 18.46 13.49 0.09
CA GLN A 73 18.99 14.58 -0.75
C GLN A 73 18.47 14.47 -2.19
N LEU A 74 17.72 15.48 -2.63
CA LEU A 74 17.30 15.58 -4.04
C LEU A 74 18.53 15.84 -4.90
N LEU A 75 18.71 15.06 -5.97
CA LEU A 75 19.79 15.34 -6.92
C LEU A 75 19.24 15.95 -8.18
N GLY A 76 18.02 15.57 -8.54
CA GLY A 76 17.45 16.17 -9.73
C GLY A 76 16.09 15.61 -10.06
N VAL A 77 15.45 16.16 -11.10
CA VAL A 77 14.16 15.67 -11.54
C VAL A 77 14.09 15.60 -13.08
N CYS A 78 13.19 14.77 -13.59
CA CYS A 78 12.84 14.83 -15.00
C CYS A 78 11.32 15.01 -15.01
N THR A 79 10.89 16.25 -15.16
CA THR A 79 9.48 16.58 -15.09
C THR A 79 9.09 17.55 -16.21
N ARG A 80 9.84 17.56 -17.30
CA ARG A 80 9.44 18.33 -18.48
C ARG A 80 8.47 17.49 -19.32
N GLU A 81 8.72 16.19 -19.40
CA GLU A 81 7.82 15.27 -20.09
C GLU A 81 7.75 13.97 -19.29
N PRO A 82 6.62 13.24 -19.39
CA PRO A 82 6.55 11.88 -18.86
C PRO A 82 7.56 10.98 -19.58
N PRO A 83 7.97 9.87 -18.94
CA PRO A 83 7.65 9.54 -17.56
C PRO A 83 8.42 10.49 -16.66
N PHE A 84 7.78 10.98 -15.61
CA PHE A 84 8.47 11.87 -14.69
C PHE A 84 9.42 11.08 -13.77
N TYR A 85 10.53 11.70 -13.40
CA TYR A 85 11.48 11.11 -12.44
C TYR A 85 11.69 12.09 -11.31
N ILE A 86 11.82 11.57 -10.09
CA ILE A 86 12.52 12.28 -9.03
C ILE A 86 13.75 11.46 -8.68
N ILE A 87 14.92 12.10 -8.66
CA ILE A 87 16.19 11.39 -8.46
C ILE A 87 16.86 11.86 -7.17
N THR A 88 17.17 10.93 -6.28
CA THR A 88 17.81 11.26 -5.01
C THR A 88 19.06 10.41 -4.77
N GLU A 89 19.85 10.79 -3.79
CA GLU A 89 20.88 9.89 -3.31
C GLU A 89 20.30 8.53 -3.00
N PHE A 90 21.13 7.50 -3.10
CA PHE A 90 20.80 6.14 -2.71
C PHE A 90 21.16 5.96 -1.24
N MET A 91 20.17 5.60 -0.41
CA MET A 91 20.41 5.27 0.98
C MET A 91 20.62 3.77 1.12
N THR A 92 21.84 3.41 1.50
CA THR A 92 22.35 2.05 1.37
C THR A 92 21.59 0.95 2.13
N TYR A 93 20.99 1.30 3.27
CA TYR A 93 20.33 0.28 4.09
C TYR A 93 18.80 0.25 4.04
N GLY A 94 18.19 1.13 3.25
CA GLY A 94 16.75 1.10 3.12
C GLY A 94 15.99 1.74 4.28
N ASN A 95 14.73 1.36 4.45
CA ASN A 95 13.87 2.05 5.39
C ASN A 95 14.20 1.65 6.84
N LEU A 96 14.07 2.60 7.76
CA LEU A 96 14.44 2.40 9.17
C LEU A 96 13.67 1.29 9.90
N LEU A 97 12.41 1.07 9.54
CA LEU A 97 11.61 0.08 10.27
C LEU A 97 12.18 -1.31 10.04
N ASP A 98 12.40 -1.66 8.78
CA ASP A 98 13.00 -2.95 8.51
C ASP A 98 14.44 -3.04 9.03
N TYR A 99 15.17 -1.93 8.98
CA TYR A 99 16.52 -1.89 9.55
C TYR A 99 16.47 -2.31 11.02
N LEU A 100 15.59 -1.68 11.79
CA LEU A 100 15.44 -1.99 13.20
C LEU A 100 15.03 -3.45 13.42
N ARG A 101 14.15 -3.95 12.57
CA ARG A 101 13.61 -5.29 12.77
C ARG A 101 14.66 -6.37 12.51
N GLU A 102 15.65 -6.03 11.70
CA GLU A 102 16.65 -7.03 11.31
C GLU A 102 18.06 -6.75 11.86
N CYS A 103 18.20 -5.73 12.68
CA CYS A 103 19.53 -5.29 13.07
C CYS A 103 20.16 -6.18 14.14
N ASN A 104 21.50 -6.10 14.22
CA ASN A 104 22.25 -6.63 15.35
C ASN A 104 22.29 -5.56 16.42
N ARG A 105 21.67 -5.85 17.56
CA ARG A 105 21.50 -4.85 18.61
C ARG A 105 22.76 -4.60 19.39
N GLN A 106 23.80 -5.39 19.15
CA GLN A 106 25.11 -5.00 19.69
C GLN A 106 25.70 -3.89 18.85
N GLU A 107 25.37 -3.89 17.56
CA GLU A 107 25.71 -2.75 16.71
C GLU A 107 24.69 -1.63 16.97
N VAL A 108 23.42 -1.94 16.80
CA VAL A 108 22.38 -0.91 17.00
C VAL A 108 21.97 -0.90 18.46
N SER A 109 22.82 -0.26 19.26
CA SER A 109 22.74 -0.35 20.70
C SER A 109 22.00 0.88 21.23
N ALA A 110 21.80 0.93 22.55
CA ALA A 110 21.07 2.02 23.16
C ALA A 110 21.55 3.36 22.65
N VAL A 111 22.86 3.54 22.50
CA VAL A 111 23.37 4.83 22.06
C VAL A 111 22.97 5.12 20.60
N VAL A 112 22.90 4.08 19.78
CA VAL A 112 22.50 4.28 18.39
C VAL A 112 21.01 4.61 18.28
N LEU A 113 20.17 4.04 19.15
CA LEU A 113 18.76 4.41 19.19
C LEU A 113 18.64 5.91 19.51
N LEU A 114 19.46 6.43 20.44
CA LEU A 114 19.47 7.86 20.74
C LEU A 114 19.99 8.70 19.57
N TYR A 115 21.03 8.19 18.90
CA TYR A 115 21.57 8.85 17.72
C TYR A 115 20.49 8.98 16.62
N MET A 116 19.72 7.92 16.42
CA MET A 116 18.64 7.94 15.44
C MET A 116 17.59 9.02 15.74
N ALA A 117 17.16 9.08 16.99
CA ALA A 117 16.19 10.09 17.38
C ALA A 117 16.78 11.49 17.29
N THR A 118 18.07 11.61 17.58
CA THR A 118 18.73 12.92 17.47
C THR A 118 18.74 13.42 16.01
N GLN A 119 19.03 12.52 15.07
CA GLN A 119 19.14 12.85 13.65
C GLN A 119 17.78 13.22 13.05
N ILE A 120 16.76 12.44 13.38
CA ILE A 120 15.43 12.76 12.89
C ILE A 120 14.89 14.06 13.47
N SER A 121 15.08 14.26 14.77
CA SER A 121 14.56 15.48 15.36
C SER A 121 15.39 16.69 14.87
N SER A 122 16.65 16.46 14.52
CA SER A 122 17.45 17.52 13.88
C SER A 122 16.82 18.02 12.58
N ALA A 123 16.49 17.06 11.71
CA ALA A 123 15.77 17.37 10.48
C ALA A 123 14.40 18.03 10.72
N MET A 124 13.66 17.56 11.72
CA MET A 124 12.34 18.16 11.97
C MET A 124 12.45 19.55 12.62
N GLU A 125 13.49 19.77 13.40
CA GLU A 125 13.72 21.10 13.98
C GLU A 125 13.97 22.08 12.83
N TYR A 126 14.67 21.61 11.81
CA TYR A 126 14.90 22.42 10.63
C TYR A 126 13.60 22.75 9.91
N LEU A 127 12.79 21.73 9.63
CA LEU A 127 11.51 21.97 8.95
C LEU A 127 10.65 22.88 9.81
N GLU A 128 10.74 22.69 11.13
CA GLU A 128 9.98 23.49 12.07
C GLU A 128 10.28 24.98 11.89
N LYS A 129 11.55 25.35 11.85
CA LYS A 129 11.85 26.77 11.71
C LYS A 129 11.68 27.25 10.28
N LYS A 130 11.68 26.33 9.33
CA LYS A 130 11.37 26.68 7.95
C LYS A 130 9.85 26.86 7.79
N ASN A 131 9.12 26.60 8.87
CA ASN A 131 7.66 26.64 8.89
C ASN A 131 7.06 25.64 7.88
N PHE A 132 7.72 24.51 7.69
CA PHE A 132 7.15 23.41 6.92
C PHE A 132 6.45 22.46 7.88
N ILE A 133 5.47 21.70 7.39
CA ILE A 133 5.11 20.46 8.06
C ILE A 133 5.40 19.28 7.16
N HIS A 134 5.60 18.12 7.77
CA HIS A 134 5.97 16.91 7.04
C HIS A 134 4.78 16.00 6.74
N ARG A 135 4.01 15.68 7.80
CA ARG A 135 2.71 15.03 7.71
C ARG A 135 2.74 13.53 7.50
N ASP A 136 3.92 12.94 7.49
CA ASP A 136 3.98 11.49 7.38
C ASP A 136 5.22 10.92 8.03
N LEU A 137 5.54 11.45 9.21
CA LEU A 137 6.61 10.92 10.05
C LEU A 137 6.31 9.49 10.50
N ALA A 138 7.25 8.59 10.25
CA ALA A 138 7.11 7.19 10.65
C ALA A 138 8.42 6.49 10.32
N ALA A 139 8.72 5.39 11.01
CA ALA A 139 9.96 4.66 10.78
C ALA A 139 10.08 4.10 9.36
N ARG A 140 8.97 3.62 8.80
CA ARG A 140 8.96 3.13 7.42
C ARG A 140 9.30 4.26 6.45
N ASN A 141 9.25 5.51 6.91
CA ASN A 141 9.45 6.65 6.03
C ASN A 141 10.75 7.37 6.32
N CYS A 142 11.63 6.69 7.03
CA CYS A 142 12.99 7.16 7.24
C CYS A 142 13.93 6.18 6.55
N LEU A 143 15.09 6.66 6.14
CA LEU A 143 16.03 5.83 5.39
C LEU A 143 17.37 5.80 6.12
N VAL A 144 18.08 4.69 5.99
CA VAL A 144 19.31 4.48 6.74
C VAL A 144 20.49 4.35 5.78
N GLY A 145 21.60 4.99 6.13
CA GLY A 145 22.83 4.81 5.39
C GLY A 145 23.92 4.17 6.24
N GLU A 146 25.17 4.35 5.82
CA GLU A 146 26.32 3.83 6.56
C GLU A 146 26.46 4.43 7.96
N ASN A 147 26.94 3.63 8.91
CA ASN A 147 27.20 4.12 10.27
C ASN A 147 25.94 4.72 10.93
N HIS A 148 24.81 4.08 10.68
CA HIS A 148 23.54 4.44 11.30
C HIS A 148 23.10 5.85 10.96
N LEU A 149 23.60 6.36 9.84
CA LEU A 149 23.08 7.60 9.28
C LEU A 149 21.59 7.42 8.99
N VAL A 150 20.76 8.33 9.50
CA VAL A 150 19.33 8.27 9.24
C VAL A 150 18.85 9.56 8.62
N LYS A 151 17.97 9.43 7.63
CA LYS A 151 17.38 10.61 7.01
C LYS A 151 15.86 10.46 6.90
N VAL A 152 15.15 11.56 7.11
CA VAL A 152 13.72 11.60 6.89
C VAL A 152 13.45 11.63 5.38
N ALA A 153 12.38 10.97 4.93
CA ALA A 153 12.02 10.93 3.52
C ALA A 153 10.49 11.07 3.38
N ASP A 154 9.98 10.84 2.17
CA ASP A 154 8.55 10.80 1.92
C ASP A 154 7.88 12.14 2.17
N PHE A 155 8.07 13.08 1.27
CA PHE A 155 7.57 14.42 1.43
C PHE A 155 6.32 14.72 0.60
N GLY A 156 5.64 13.68 0.14
CA GLY A 156 4.46 13.88 -0.69
C GLY A 156 3.34 14.71 -0.04
N LEU A 157 3.23 14.68 1.29
CA LEU A 157 2.25 15.50 1.97
C LEU A 157 2.88 16.71 2.67
N SER A 158 4.18 16.92 2.49
CA SER A 158 4.85 18.01 3.19
C SER A 158 4.49 19.35 2.54
N ARG A 159 4.54 20.43 3.31
CA ARG A 159 4.23 21.72 2.74
C ARG A 159 4.75 22.86 3.58
N LEU A 160 4.92 24.00 2.92
CA LEU A 160 5.21 25.25 3.60
C LEU A 160 3.89 25.79 4.13
N MET A 161 3.89 26.15 5.40
CA MET A 161 2.69 26.54 6.09
C MET A 161 2.35 28.00 5.79
N THR A 162 1.07 28.30 5.60
CA THR A 162 0.64 29.70 5.54
C THR A 162 -0.09 30.19 6.78
N GLY A 163 -0.80 29.28 7.45
CA GLY A 163 -1.37 29.58 8.75
C GLY A 163 -0.78 28.67 9.82
N ASP A 164 -1.28 28.77 11.05
CA ASP A 164 -0.82 27.86 12.09
C ASP A 164 -1.25 26.41 11.80
N THR A 165 -2.39 26.27 11.10
CA THR A 165 -2.96 24.95 10.83
C THR A 165 -3.18 24.72 9.34
N TYR A 166 -2.90 23.52 8.88
CA TYR A 166 -3.35 23.10 7.56
C TYR A 166 -4.48 22.09 7.68
N THR A 167 -5.49 22.20 6.81
CA THR A 167 -6.61 21.28 6.85
C THR A 167 -6.61 20.39 5.60
N ALA A 168 -6.43 19.09 5.78
CA ALA A 168 -6.38 18.21 4.60
C ALA A 168 -7.80 18.09 4.03
N HIS A 169 -7.89 17.78 2.75
CA HIS A 169 -9.18 17.79 2.07
C HIS A 169 -10.16 16.76 2.64
N ALA A 170 -11.45 17.00 2.42
CA ALA A 170 -12.49 16.28 3.15
C ALA A 170 -12.36 14.75 3.05
N GLY A 171 -11.98 14.22 1.90
CA GLY A 171 -11.97 12.77 1.77
C GLY A 171 -10.71 12.07 2.28
N ALA A 172 -9.79 12.83 2.84
CA ALA A 172 -8.45 12.30 3.02
C ALA A 172 -8.45 11.22 4.10
N LYS A 173 -7.65 10.18 3.90
CA LYS A 173 -7.41 9.24 4.97
C LYS A 173 -5.94 9.09 5.34
N PHE A 174 -5.71 8.69 6.58
CA PHE A 174 -4.42 8.87 7.22
C PHE A 174 -4.00 7.56 7.85
N PRO A 175 -2.68 7.39 8.11
CA PRO A 175 -2.26 6.16 8.83
C PRO A 175 -2.62 6.35 10.29
N ILE A 176 -3.72 5.72 10.70
CA ILE A 176 -4.35 6.09 11.96
C ILE A 176 -3.42 6.04 13.17
N LYS A 177 -2.54 5.04 13.26
CA LYS A 177 -1.75 4.88 14.46
C LYS A 177 -0.61 5.91 14.60
N TRP A 178 -0.33 6.69 13.56
CA TRP A 178 0.65 7.78 13.70
C TRP A 178 -0.01 9.15 13.76
N THR A 179 -1.33 9.18 13.66
CA THR A 179 -2.05 10.42 13.42
C THR A 179 -2.58 11.05 14.70
N ALA A 180 -2.26 12.32 14.91
CA ALA A 180 -2.68 13.02 16.11
C ALA A 180 -4.21 13.13 16.13
N PRO A 181 -4.78 13.26 17.34
CA PRO A 181 -6.22 13.32 17.61
C PRO A 181 -6.95 14.39 16.79
N GLU A 182 -6.42 15.62 16.82
CA GLU A 182 -7.03 16.72 16.08
C GLU A 182 -7.03 16.45 14.58
N SER A 183 -6.04 15.69 14.10
CA SER A 183 -5.93 15.32 12.68
C SER A 183 -6.93 14.21 12.33
N LEU A 184 -7.07 13.23 13.22
CA LEU A 184 -8.05 12.17 13.01
C LEU A 184 -9.46 12.77 13.01
N ALA A 185 -9.76 13.63 13.97
CA ALA A 185 -11.11 14.15 14.14
C ALA A 185 -11.47 15.27 13.16
N TYR A 186 -10.52 16.14 12.85
CA TYR A 186 -10.87 17.36 12.12
C TYR A 186 -9.96 17.66 10.94
N ASN A 187 -9.13 16.68 10.55
CA ASN A 187 -8.21 16.85 9.45
C ASN A 187 -7.29 18.07 9.66
N LYS A 188 -7.03 18.42 10.91
CA LYS A 188 -6.15 19.56 11.20
C LYS A 188 -4.71 19.10 11.39
N PHE A 189 -3.77 19.72 10.68
CA PHE A 189 -2.36 19.36 10.83
C PHE A 189 -1.53 20.60 11.12
N SER A 190 -0.40 20.42 11.79
CA SER A 190 0.50 21.52 12.12
C SER A 190 1.84 20.90 12.50
N ILE A 191 2.79 21.73 12.90
CA ILE A 191 4.05 21.14 13.29
C ILE A 191 3.82 20.27 14.54
N LYS A 192 2.76 20.56 15.30
CA LYS A 192 2.45 19.79 16.49
C LYS A 192 1.89 18.42 16.22
N SER A 193 1.14 18.22 15.12
CA SER A 193 0.76 16.85 14.79
C SER A 193 1.95 16.07 14.25
N ASP A 194 2.93 16.77 13.65
CA ASP A 194 4.22 16.13 13.36
C ASP A 194 4.90 15.66 14.67
N VAL A 195 4.84 16.48 15.70
CA VAL A 195 5.45 16.10 16.98
C VAL A 195 4.80 14.83 17.55
N TRP A 196 3.47 14.77 17.45
CA TRP A 196 2.76 13.58 17.87
C TRP A 196 3.27 12.35 17.11
N ALA A 197 3.41 12.45 15.78
CA ALA A 197 3.85 11.31 14.98
C ALA A 197 5.26 10.94 15.35
N PHE A 198 6.08 11.95 15.62
CA PHE A 198 7.44 11.73 16.10
C PHE A 198 7.48 10.94 17.42
N GLY A 199 6.56 11.23 18.33
CA GLY A 199 6.36 10.38 19.50
C GLY A 199 6.19 8.91 19.14
N VAL A 200 5.31 8.60 18.19
CA VAL A 200 5.11 7.22 17.77
C VAL A 200 6.39 6.63 17.14
N LEU A 201 7.05 7.40 16.27
CA LEU A 201 8.33 7.01 15.70
C LEU A 201 9.33 6.66 16.80
N LEU A 202 9.40 7.49 17.85
CA LEU A 202 10.27 7.17 19.00
C LEU A 202 9.95 5.80 19.58
N TRP A 203 8.67 5.49 19.66
CA TRP A 203 8.26 4.19 20.19
C TRP A 203 8.63 3.06 19.23
N GLU A 204 8.56 3.31 17.92
CA GLU A 204 9.04 2.31 16.99
C GLU A 204 10.54 2.07 17.19
N ILE A 205 11.28 3.15 17.42
CA ILE A 205 12.72 3.00 17.59
C ILE A 205 13.01 2.20 18.88
N ALA A 206 12.34 2.57 19.96
CA ALA A 206 12.58 1.97 21.29
C ALA A 206 12.24 0.50 21.32
N THR A 207 11.31 0.07 20.48
CA THR A 207 10.91 -1.33 20.46
C THR A 207 11.62 -2.10 19.36
N TYR A 208 12.60 -1.47 18.71
CA TYR A 208 13.24 -2.05 17.55
C TYR A 208 12.21 -2.44 16.51
N GLY A 209 11.20 -1.60 16.36
CA GLY A 209 10.38 -1.66 15.16
C GLY A 209 9.12 -2.47 15.34
N MET A 210 8.64 -2.58 16.57
CA MET A 210 7.30 -3.11 16.79
C MET A 210 6.29 -2.19 16.14
N SER A 211 5.18 -2.80 15.71
CA SER A 211 4.02 -2.03 15.32
C SER A 211 3.32 -1.37 16.53
N PRO A 212 2.89 -0.11 16.39
CA PRO A 212 2.28 0.65 17.50
C PRO A 212 0.91 0.08 17.88
N TYR A 213 0.47 0.40 19.10
CA TYR A 213 -0.84 -0.05 19.62
C TYR A 213 -1.13 -1.51 19.23
N PRO A 214 -0.24 -2.42 19.59
CA PRO A 214 -0.37 -3.83 19.19
C PRO A 214 -1.69 -4.46 19.65
N GLY A 215 -2.43 -5.02 18.69
CA GLY A 215 -3.67 -5.70 19.03
C GLY A 215 -4.81 -4.75 19.41
N ILE A 216 -4.67 -3.50 19.01
CA ILE A 216 -5.77 -2.56 19.15
C ILE A 216 -6.33 -2.23 17.78
N ASP A 217 -7.62 -2.51 17.60
CA ASP A 217 -8.30 -2.26 16.33
C ASP A 217 -8.14 -0.81 15.94
N LEU A 218 -7.92 -0.57 14.64
CA LEU A 218 -7.81 0.79 14.12
C LEU A 218 -9.02 1.62 14.50
N SER A 219 -10.18 0.97 14.52
CA SER A 219 -11.43 1.63 14.86
C SER A 219 -11.47 2.08 16.32
N GLN A 220 -10.62 1.51 17.17
CA GLN A 220 -10.67 1.82 18.60
C GLN A 220 -9.73 2.97 19.00
N VAL A 221 -8.79 3.29 18.11
CA VAL A 221 -7.63 4.07 18.51
C VAL A 221 -8.00 5.46 19.04
N TYR A 222 -8.87 6.19 18.32
CA TYR A 222 -9.20 7.55 18.72
C TYR A 222 -9.93 7.55 20.09
N GLU A 223 -10.86 6.62 20.26
CA GLU A 223 -11.59 6.52 21.52
C GLU A 223 -10.65 6.24 22.68
N LEU A 224 -9.68 5.36 22.47
CA LEU A 224 -8.69 5.10 23.52
C LEU A 224 -7.90 6.35 23.85
N LEU A 225 -7.43 7.04 22.82
CA LEU A 225 -6.69 8.28 23.00
C LEU A 225 -7.49 9.32 23.77
N GLU A 226 -8.77 9.43 23.44
CA GLU A 226 -9.65 10.42 24.07
C GLU A 226 -9.86 10.09 25.56
N LYS A 227 -9.72 8.81 25.92
CA LYS A 227 -9.80 8.42 27.33
C LYS A 227 -8.46 8.52 28.07
N ASP A 228 -7.46 9.09 27.38
CA ASP A 228 -6.07 9.23 27.85
C ASP A 228 -5.24 7.97 27.86
N TYR A 229 -5.67 6.94 27.14
CA TYR A 229 -4.81 5.80 26.96
C TYR A 229 -3.62 6.23 26.08
N ARG A 230 -2.41 5.80 26.45
CA ARG A 230 -1.23 5.95 25.58
C ARG A 230 -0.41 4.67 25.72
N MET A 231 0.39 4.38 24.70
CA MET A 231 1.22 3.19 24.69
C MET A 231 2.14 3.18 25.90
N GLU A 232 2.43 1.97 26.37
CA GLU A 232 3.21 1.77 27.59
C GLU A 232 4.69 2.01 27.31
N ARG A 233 5.44 2.28 28.36
CA ARG A 233 6.89 2.38 28.22
C ARG A 233 7.47 1.02 27.79
N PRO A 234 8.15 0.97 26.65
CA PRO A 234 8.71 -0.30 26.17
C PRO A 234 9.79 -0.80 27.14
N GLU A 235 9.94 -2.10 27.22
CA GLU A 235 10.98 -2.66 28.08
C GLU A 235 12.31 -2.05 27.66
N GLY A 236 13.05 -1.49 28.61
CA GLY A 236 14.38 -1.01 28.32
C GLY A 236 14.44 0.46 27.92
N CYS A 237 13.26 1.06 27.73
CA CYS A 237 13.22 2.44 27.30
C CYS A 237 13.53 3.38 28.48
N PRO A 238 14.51 4.27 28.32
CA PRO A 238 14.87 5.18 29.41
C PRO A 238 13.66 5.98 29.84
N GLU A 239 13.55 6.21 31.15
CA GLU A 239 12.46 6.98 31.73
C GLU A 239 12.31 8.33 31.02
N LYS A 240 13.44 8.95 30.70
CA LYS A 240 13.42 10.29 30.13
C LYS A 240 12.90 10.28 28.68
N VAL A 241 13.30 9.26 27.93
CA VAL A 241 12.78 9.10 26.58
C VAL A 241 11.28 8.88 26.63
N TYR A 242 10.81 8.01 27.53
CA TYR A 242 9.38 7.77 27.64
C TYR A 242 8.60 9.03 28.03
N GLU A 243 9.18 9.85 28.92
CA GLU A 243 8.57 11.12 29.26
C GLU A 243 8.40 12.01 28.02
N LEU A 244 9.39 12.00 27.13
CA LEU A 244 9.33 12.77 25.91
C LEU A 244 8.24 12.22 24.97
N MET A 245 8.10 10.90 24.93
CA MET A 245 7.01 10.31 24.17
C MET A 245 5.69 10.85 24.69
N ARG A 246 5.54 10.90 26.01
CA ARG A 246 4.27 11.25 26.58
C ARG A 246 4.00 12.74 26.37
N ALA A 247 5.07 13.54 26.37
CA ALA A 247 4.93 14.96 26.00
C ALA A 247 4.45 15.11 24.54
N CYS A 248 5.01 14.30 23.64
CA CYS A 248 4.61 14.35 22.24
C CYS A 248 3.13 13.96 22.09
N TRP A 249 2.62 13.18 23.04
CA TRP A 249 1.25 12.70 22.93
C TRP A 249 0.27 13.41 23.87
N GLN A 250 0.60 14.63 24.27
CA GLN A 250 -0.35 15.50 24.93
C GLN A 250 -1.57 15.72 24.01
N TRP A 251 -2.77 15.65 24.58
CA TRP A 251 -3.99 15.73 23.76
C TRP A 251 -4.07 17.10 23.05
N ASN A 252 -3.81 18.18 23.78
CA ASN A 252 -3.81 19.49 23.14
C ASN A 252 -2.46 19.80 22.48
N PRO A 253 -2.51 20.17 21.20
CA PRO A 253 -1.30 20.45 20.41
C PRO A 253 -0.34 21.44 21.05
N SER A 254 -0.84 22.52 21.64
CA SER A 254 0.07 23.54 22.13
C SER A 254 0.80 23.06 23.38
N ASP A 255 0.30 22.00 24.01
CA ASP A 255 1.00 21.35 25.11
C ASP A 255 2.18 20.45 24.70
N ARG A 256 2.32 20.14 23.41
CA ARG A 256 3.42 19.29 22.95
C ARG A 256 4.69 20.12 22.80
N PRO A 257 5.85 19.52 23.04
CA PRO A 257 7.11 20.26 22.88
C PRO A 257 7.40 20.63 21.42
N SER A 258 8.23 21.65 21.23
CA SER A 258 8.74 21.97 19.90
C SER A 258 9.82 20.96 19.52
N PHE A 259 10.13 20.87 18.24
CA PHE A 259 11.22 20.01 17.80
C PHE A 259 12.56 20.60 18.22
N ALA A 260 12.59 21.91 18.43
CA ALA A 260 13.79 22.54 19.00
C ALA A 260 14.09 21.97 20.38
N GLU A 261 13.05 21.84 21.21
CA GLU A 261 13.22 21.31 22.56
C GLU A 261 13.56 19.83 22.48
N ILE A 262 12.79 19.11 21.65
CA ILE A 262 13.01 17.69 21.47
C ILE A 262 14.44 17.41 21.04
N HIS A 263 14.92 18.12 20.03
CA HIS A 263 16.24 17.83 19.52
C HIS A 263 17.29 18.08 20.60
N GLN A 264 17.17 19.20 21.30
CA GLN A 264 18.15 19.55 22.31
C GLN A 264 18.25 18.46 23.41
N ALA A 265 17.10 17.98 23.86
CA ALA A 265 17.05 16.89 24.83
C ALA A 265 17.71 15.62 24.33
N PHE A 266 17.45 15.23 23.09
CA PHE A 266 18.07 14.00 22.58
C PHE A 266 19.55 14.17 22.30
N GLU A 267 19.93 15.37 21.90
CA GLU A 267 21.33 15.70 21.69
C GLU A 267 22.14 15.46 22.97
N THR A 268 21.58 15.93 24.09
CA THR A 268 22.22 15.82 25.39
C THR A 268 22.30 14.37 25.82
N MET A 269 21.22 13.64 25.64
CA MET A 269 21.18 12.25 26.06
C MET A 269 22.14 11.41 25.22
N PHE A 270 22.18 11.70 23.93
CA PHE A 270 23.08 11.04 23.01
C PHE A 270 24.53 11.24 23.44
N GLN A 271 24.89 12.49 23.70
CA GLN A 271 26.27 12.82 24.08
C GLN A 271 26.69 12.08 25.35
N GLU A 272 25.84 12.06 26.37
CA GLU A 272 26.16 11.34 27.58
C GLU A 272 26.37 9.86 27.29
N SER A 273 25.43 9.26 26.57
CA SER A 273 25.51 7.85 26.24
C SER A 273 26.75 7.49 25.40
N SER A 274 27.18 8.39 24.51
CA SER A 274 28.33 8.14 23.65
C SER A 274 29.59 7.91 24.48
N ILE A 275 29.73 8.73 25.52
CA ILE A 275 30.89 8.66 26.39
C ILE A 275 31.10 7.23 26.90
N SER A 276 30.06 6.63 27.49
CA SER A 276 30.16 5.28 28.02
C SER A 276 30.38 4.28 26.90
N ASP A 277 29.77 4.56 25.75
CA ASP A 277 29.88 3.66 24.61
C ASP A 277 31.30 3.64 24.07
N GLU A 278 31.90 4.82 23.92
CA GLU A 278 33.27 4.88 23.45
C GLU A 278 34.24 4.16 24.38
N VAL A 279 34.09 4.34 25.70
CA VAL A 279 34.93 3.60 26.64
C VAL A 279 34.70 2.10 26.55
N GLU A 280 33.43 1.69 26.45
CA GLU A 280 33.13 0.26 26.41
C GLU A 280 33.70 -0.38 25.15
N LYS A 281 33.82 0.42 24.09
CA LYS A 281 34.41 -0.04 22.84
C LYS A 281 35.90 -0.26 23.03
N GLU A 282 36.57 0.70 23.67
CA GLU A 282 38.00 0.63 23.89
C GLU A 282 38.40 -0.45 24.89
N LEU A 283 37.62 -0.62 25.95
CA LEU A 283 37.61 -1.90 26.64
C LEU A 283 37.02 -2.85 25.62
N GLY A 284 37.53 -4.07 25.51
CA GLY A 284 36.98 -4.97 24.52
C GLY A 284 37.81 -5.00 23.26
N LYS A 285 38.44 -3.87 22.91
CA LYS A 285 39.49 -3.87 21.92
C LYS A 285 40.80 -4.20 22.62
N ARG A 286 40.87 -3.88 23.90
CA ARG A 286 41.97 -4.33 24.72
C ARG A 286 41.61 -5.68 25.33
N GLY A 287 41.44 -6.66 24.46
CA GLY A 287 41.28 -8.03 24.91
C GLY A 287 42.66 -8.66 25.00
N SER B 2 -0.99 7.88 -37.94
CA SER B 2 -1.87 7.87 -39.14
C SER B 2 -3.35 7.58 -38.78
N PRO B 3 -4.23 7.47 -39.80
CA PRO B 3 -5.65 7.81 -39.63
C PRO B 3 -6.52 6.85 -38.80
N ASN B 4 -6.25 5.54 -38.91
CA ASN B 4 -6.99 4.54 -38.13
C ASN B 4 -6.19 4.13 -36.91
N TYR B 5 -5.28 5.00 -36.48
CA TYR B 5 -4.38 4.68 -35.37
C TYR B 5 -5.18 4.47 -34.09
N ASP B 6 -4.82 3.41 -33.35
CA ASP B 6 -5.41 3.12 -32.04
C ASP B 6 -4.28 2.58 -31.15
N LYS B 7 -4.01 3.27 -30.03
CA LYS B 7 -2.84 2.98 -29.20
C LYS B 7 -2.87 1.59 -28.57
N TRP B 8 -4.06 1.03 -28.41
CA TRP B 8 -4.25 -0.29 -27.80
C TRP B 8 -4.28 -1.43 -28.81
N GLU B 9 -4.56 -1.09 -30.07
CA GLU B 9 -4.67 -2.12 -31.10
C GLU B 9 -3.27 -2.53 -31.52
N MET B 10 -2.94 -3.80 -31.34
CA MET B 10 -1.63 -4.27 -31.75
C MET B 10 -1.77 -5.15 -32.98
N GLU B 11 -0.66 -5.47 -33.63
CA GLU B 11 -0.74 -6.31 -34.81
C GLU B 11 -0.78 -7.78 -34.37
N ARG B 12 -1.65 -8.53 -35.03
CA ARG B 12 -1.98 -9.89 -34.63
C ARG B 12 -0.75 -10.80 -34.76
N THR B 13 0.10 -10.48 -35.72
CA THR B 13 1.26 -11.31 -36.03
C THR B 13 2.43 -11.05 -35.09
N ASP B 14 2.31 -10.02 -34.25
CA ASP B 14 3.32 -9.77 -33.22
C ASP B 14 3.30 -10.86 -32.15
N ILE B 15 2.22 -11.64 -32.13
CA ILE B 15 2.04 -12.61 -31.06
C ILE B 15 2.12 -14.04 -31.57
N THR B 16 3.02 -14.81 -30.97
CA THR B 16 3.03 -16.25 -31.15
C THR B 16 2.04 -16.87 -30.15
N MET B 17 1.00 -17.50 -30.67
CA MET B 17 0.00 -18.09 -29.82
C MET B 17 0.45 -19.52 -29.50
N LYS B 18 0.35 -19.89 -28.23
CA LYS B 18 0.75 -21.24 -27.85
C LYS B 18 -0.45 -21.96 -27.32
N HIS B 19 -0.25 -22.74 -26.26
CA HIS B 19 -1.29 -23.62 -25.74
C HIS B 19 -2.40 -22.86 -25.02
N LYS B 20 -3.59 -23.46 -25.00
CA LYS B 20 -4.69 -22.96 -24.20
C LYS B 20 -4.28 -23.17 -22.74
N LEU B 21 -4.51 -22.17 -21.90
CA LEU B 21 -4.11 -22.24 -20.50
C LEU B 21 -5.03 -23.11 -19.64
N GLY B 22 -4.44 -23.85 -18.72
CA GLY B 22 -5.23 -24.52 -17.70
C GLY B 22 -6.16 -25.59 -18.23
N GLY B 23 -5.74 -26.28 -19.30
CA GLY B 23 -6.53 -27.36 -19.82
C GLY B 23 -7.94 -26.95 -20.18
N GLY B 24 -8.14 -25.67 -20.47
CA GLY B 24 -9.43 -25.22 -20.96
C GLY B 24 -10.32 -24.62 -19.88
N GLN B 25 -9.85 -24.66 -18.64
CA GLN B 25 -10.66 -24.19 -17.54
C GLN B 25 -10.89 -22.69 -17.65
N TYR B 26 -10.02 -21.99 -18.36
CA TYR B 26 -10.15 -20.52 -18.41
C TYR B 26 -10.86 -20.05 -19.67
N GLY B 27 -11.43 -20.98 -20.42
CA GLY B 27 -12.04 -20.64 -21.68
C GLY B 27 -10.99 -20.46 -22.76
N GLU B 28 -11.22 -19.50 -23.65
CA GLU B 28 -10.29 -19.22 -24.74
C GLU B 28 -9.21 -18.28 -24.30
N VAL B 29 -8.43 -18.69 -23.29
CA VAL B 29 -7.23 -17.94 -22.93
C VAL B 29 -6.03 -18.81 -23.24
N TYR B 30 -5.02 -18.23 -23.88
CA TYR B 30 -3.87 -18.99 -24.33
C TYR B 30 -2.61 -18.36 -23.81
N GLU B 31 -1.56 -19.16 -23.64
CA GLU B 31 -0.25 -18.59 -23.41
C GLU B 31 0.28 -18.03 -24.72
N GLY B 32 0.99 -16.92 -24.66
CA GLY B 32 1.50 -16.31 -25.86
C GLY B 32 2.86 -15.73 -25.63
N VAL B 33 3.56 -15.46 -26.72
CA VAL B 33 4.83 -14.76 -26.65
C VAL B 33 4.76 -13.51 -27.49
N TRP B 34 5.06 -12.38 -26.88
CA TRP B 34 5.19 -11.15 -27.63
C TRP B 34 6.64 -11.08 -28.09
N LYS B 35 6.92 -11.70 -29.23
CA LYS B 35 8.30 -11.95 -29.65
C LYS B 35 9.09 -10.64 -29.61
N LYS B 36 8.42 -9.57 -30.03
CA LYS B 36 8.98 -8.22 -30.01
C LYS B 36 9.78 -7.94 -28.73
N TYR B 37 9.31 -8.44 -27.59
CA TYR B 37 9.92 -8.13 -26.31
C TYR B 37 10.41 -9.38 -25.57
N SER B 38 10.22 -10.54 -26.17
CA SER B 38 10.59 -11.78 -25.49
C SER B 38 9.80 -11.81 -24.18
N LEU B 39 8.48 -11.63 -24.30
CA LEU B 39 7.62 -11.50 -23.14
C LEU B 39 6.51 -12.51 -23.25
N THR B 40 6.43 -13.40 -22.27
CA THR B 40 5.30 -14.32 -22.20
C THR B 40 4.10 -13.47 -21.79
N VAL B 41 2.97 -13.69 -22.46
CA VAL B 41 1.73 -12.97 -22.17
C VAL B 41 0.58 -13.95 -22.11
N ALA B 42 -0.59 -13.46 -21.70
CA ALA B 42 -1.79 -14.27 -21.81
C ALA B 42 -2.66 -13.61 -22.84
N VAL B 43 -3.44 -14.42 -23.55
CA VAL B 43 -4.26 -13.90 -24.64
C VAL B 43 -5.64 -14.51 -24.63
N LYS B 44 -6.66 -13.68 -24.47
CA LYS B 44 -8.03 -14.17 -24.57
C LYS B 44 -8.58 -13.91 -25.98
N THR B 45 -9.26 -14.90 -26.56
CA THR B 45 -9.77 -14.78 -27.93
C THR B 45 -11.26 -15.11 -27.90
N LEU B 46 -11.94 -15.00 -29.03
CA LEU B 46 -13.22 -15.68 -29.19
C LEU B 46 -13.37 -16.38 -30.55
N THR B 50 -20.70 -14.21 -32.59
CA THR B 50 -20.51 -15.38 -31.73
C THR B 50 -21.46 -15.33 -30.55
N MET B 51 -22.61 -14.65 -30.71
CA MET B 51 -23.47 -14.25 -29.54
C MET B 51 -22.78 -13.45 -28.42
N GLU B 52 -21.46 -13.30 -28.49
CA GLU B 52 -20.72 -12.87 -27.31
C GLU B 52 -19.74 -11.69 -27.55
N VAL B 53 -19.78 -11.03 -28.69
CA VAL B 53 -18.77 -10.03 -29.04
C VAL B 53 -18.84 -8.77 -28.17
N GLU B 54 -19.98 -8.10 -28.21
CA GLU B 54 -20.07 -6.73 -27.73
C GLU B 54 -20.20 -6.80 -26.22
N GLU B 55 -19.09 -7.12 -25.55
CA GLU B 55 -19.09 -7.84 -24.28
C GLU B 55 -17.68 -8.36 -23.90
N PHE B 56 -17.11 -9.20 -24.76
CA PHE B 56 -15.66 -9.24 -24.96
C PHE B 56 -15.16 -7.79 -25.12
N LEU B 57 -15.83 -7.03 -25.99
CA LEU B 57 -15.47 -5.65 -26.21
C LEU B 57 -15.63 -4.79 -24.95
N LYS B 58 -16.66 -5.11 -24.15
CA LYS B 58 -16.89 -4.37 -22.94
C LYS B 58 -15.76 -4.62 -21.95
N GLU B 59 -15.27 -5.86 -21.88
CA GLU B 59 -14.17 -6.14 -20.96
C GLU B 59 -12.93 -5.37 -21.38
N ALA B 60 -12.58 -5.43 -22.66
CA ALA B 60 -11.40 -4.73 -23.15
C ALA B 60 -11.51 -3.23 -22.88
N ALA B 61 -12.70 -2.68 -23.03
CA ALA B 61 -12.87 -1.26 -22.84
C ALA B 61 -12.59 -0.91 -21.39
N VAL B 62 -13.11 -1.72 -20.45
CA VAL B 62 -12.89 -1.43 -19.03
C VAL B 62 -11.41 -1.51 -18.68
N MET B 63 -10.72 -2.51 -19.23
CA MET B 63 -9.32 -2.73 -18.93
C MET B 63 -8.43 -1.60 -19.48
N LYS B 64 -8.90 -0.92 -20.52
CA LYS B 64 -8.20 0.29 -20.99
C LYS B 64 -8.22 1.43 -19.96
N GLU B 65 -9.18 1.40 -19.03
CA GLU B 65 -9.39 2.52 -18.13
C GLU B 65 -8.78 2.31 -16.74
N ILE B 66 -8.39 1.09 -16.42
CA ILE B 66 -7.89 0.81 -15.09
C ILE B 66 -6.45 0.32 -15.10
N LYS B 67 -5.72 0.69 -14.06
CA LYS B 67 -4.30 0.41 -13.98
C LYS B 67 -3.89 0.42 -12.52
N HIS B 68 -3.36 -0.70 -12.04
CA HIS B 68 -2.97 -0.83 -10.64
C HIS B 68 -2.07 -2.07 -10.49
N PRO B 69 -1.10 -2.03 -9.56
CA PRO B 69 -0.23 -3.20 -9.40
C PRO B 69 -0.94 -4.51 -9.07
N ASN B 70 -2.14 -4.44 -8.50
CA ASN B 70 -2.87 -5.68 -8.23
C ASN B 70 -4.15 -5.85 -9.03
N LEU B 71 -4.15 -5.33 -10.26
CA LEU B 71 -5.15 -5.66 -11.26
C LEU B 71 -4.39 -6.15 -12.48
N VAL B 72 -4.79 -7.28 -13.06
CA VAL B 72 -4.03 -7.81 -14.18
C VAL B 72 -4.01 -6.77 -15.32
N GLN B 73 -2.82 -6.51 -15.84
CA GLN B 73 -2.60 -5.38 -16.74
C GLN B 73 -2.87 -5.68 -18.22
N LEU B 74 -3.76 -4.89 -18.83
CA LEU B 74 -3.96 -4.91 -20.27
C LEU B 74 -2.68 -4.47 -20.97
N LEU B 75 -2.24 -5.26 -21.95
CA LEU B 75 -1.10 -4.88 -22.78
C LEU B 75 -1.58 -4.45 -24.18
N GLY B 76 -2.60 -5.10 -24.70
CA GLY B 76 -3.08 -4.73 -26.01
C GLY B 76 -4.36 -5.43 -26.37
N VAL B 77 -5.00 -5.00 -27.46
CA VAL B 77 -6.11 -5.75 -28.04
C VAL B 77 -5.93 -5.92 -29.54
N CYS B 78 -6.61 -6.91 -30.11
CA CYS B 78 -6.83 -6.96 -31.56
C CYS B 78 -8.32 -7.05 -31.84
N THR B 79 -8.98 -5.92 -32.09
CA THR B 79 -10.43 -5.97 -32.30
C THR B 79 -10.90 -5.36 -33.62
N ARG B 80 -10.01 -5.33 -34.61
CA ARG B 80 -10.38 -4.83 -35.92
C ARG B 80 -10.97 -5.88 -36.83
N GLU B 81 -10.61 -7.14 -36.59
CA GLU B 81 -11.17 -8.26 -37.36
C GLU B 81 -11.10 -9.51 -36.51
N PRO B 82 -12.00 -10.48 -36.75
CA PRO B 82 -11.93 -11.76 -36.05
C PRO B 82 -10.63 -12.52 -36.37
N PRO B 83 -10.14 -13.34 -35.42
CA PRO B 83 -10.66 -13.38 -34.06
C PRO B 83 -10.09 -12.20 -33.26
N PHE B 84 -10.85 -11.71 -32.30
CA PHE B 84 -10.37 -10.63 -31.44
C PHE B 84 -9.39 -11.16 -30.36
N TYR B 85 -8.42 -10.33 -29.97
CA TYR B 85 -7.52 -10.66 -28.87
C TYR B 85 -7.68 -9.60 -27.79
N ILE B 86 -7.69 -10.04 -26.53
CA ILE B 86 -7.24 -9.18 -25.43
C ILE B 86 -5.95 -9.79 -24.89
N ILE B 87 -4.90 -8.97 -24.81
CA ILE B 87 -3.57 -9.42 -24.38
C ILE B 87 -3.19 -8.79 -23.05
N THR B 88 -2.83 -9.61 -22.07
CA THR B 88 -2.47 -9.09 -20.76
C THR B 88 -1.14 -9.68 -20.31
N GLU B 89 -0.54 -9.10 -19.29
CA GLU B 89 0.55 -9.77 -18.58
C GLU B 89 0.16 -11.20 -18.20
N PHE B 90 1.18 -12.05 -18.10
CA PHE B 90 1.00 -13.45 -17.77
C PHE B 90 1.21 -13.62 -16.26
N MET B 91 0.30 -14.34 -15.63
CA MET B 91 0.42 -14.62 -14.20
C MET B 91 0.81 -16.09 -14.01
N THR B 92 1.97 -16.32 -13.39
CA THR B 92 2.70 -17.58 -13.46
C THR B 92 1.94 -18.78 -12.92
N TYR B 93 1.13 -18.55 -11.89
CA TYR B 93 0.57 -19.65 -11.11
C TYR B 93 -0.93 -19.88 -11.28
N GLY B 94 -1.56 -19.11 -12.17
CA GLY B 94 -2.97 -19.33 -12.43
C GLY B 94 -3.88 -18.78 -11.36
N ASN B 95 -5.11 -19.29 -11.29
CA ASN B 95 -6.09 -18.67 -10.44
C ASN B 95 -5.85 -18.98 -8.96
N LEU B 96 -6.19 -18.02 -8.10
CA LEU B 96 -5.96 -18.12 -6.67
C LEU B 96 -6.67 -19.27 -5.97
N LEU B 97 -7.91 -19.56 -6.36
CA LEU B 97 -8.63 -20.65 -5.68
C LEU B 97 -7.85 -21.97 -5.73
N ASP B 98 -7.50 -22.43 -6.93
CA ASP B 98 -6.77 -23.69 -7.07
C ASP B 98 -5.38 -23.58 -6.48
N TYR B 99 -4.80 -22.38 -6.53
CA TYR B 99 -3.52 -22.15 -5.88
C TYR B 99 -3.60 -22.47 -4.37
N LEU B 100 -4.62 -21.94 -3.70
CA LEU B 100 -4.82 -22.18 -2.27
C LEU B 100 -5.12 -23.66 -1.98
N ARG B 101 -5.90 -24.28 -2.85
CA ARG B 101 -6.34 -25.65 -2.61
C ARG B 101 -5.17 -26.63 -2.73
N GLU B 102 -4.14 -26.26 -3.49
CA GLU B 102 -3.09 -27.22 -3.77
C GLU B 102 -1.74 -26.86 -3.15
N CYS B 103 -1.71 -25.78 -2.37
CA CYS B 103 -0.46 -25.23 -1.85
C CYS B 103 0.04 -25.91 -0.57
N ASN B 104 1.34 -25.81 -0.37
CA ASN B 104 1.99 -26.17 0.87
C ASN B 104 1.73 -25.03 1.87
N ARG B 105 1.05 -25.32 2.98
CA ARG B 105 0.53 -24.26 3.82
C ARG B 105 1.55 -23.74 4.81
N GLN B 106 2.69 -24.42 4.91
CA GLN B 106 3.86 -23.88 5.62
C GLN B 106 4.46 -22.75 4.80
N GLU B 107 4.54 -22.96 3.49
CA GLU B 107 4.96 -21.92 2.56
C GLU B 107 3.88 -20.82 2.46
N VAL B 108 2.66 -21.20 2.08
CA VAL B 108 1.54 -20.26 2.06
C VAL B 108 0.88 -20.18 3.43
N SER B 109 1.52 -19.45 4.33
CA SER B 109 1.19 -19.48 5.75
C SER B 109 0.27 -18.34 6.11
N ALA B 110 -0.01 -18.22 7.40
CA ALA B 110 -0.85 -17.17 7.96
C ALA B 110 -0.49 -15.78 7.46
N VAL B 111 0.80 -15.48 7.42
CA VAL B 111 1.19 -14.12 7.05
C VAL B 111 1.02 -13.89 5.55
N VAL B 112 1.19 -14.96 4.78
CA VAL B 112 0.99 -14.87 3.32
C VAL B 112 -0.50 -14.62 3.05
N LEU B 113 -1.37 -15.25 3.82
CA LEU B 113 -2.80 -15.07 3.58
C LEU B 113 -3.15 -13.60 3.79
N LEU B 114 -2.54 -13.00 4.82
CA LEU B 114 -2.73 -11.58 5.12
C LEU B 114 -2.24 -10.72 3.96
N TYR B 115 -1.08 -11.09 3.41
CA TYR B 115 -0.50 -10.40 2.27
C TYR B 115 -1.42 -10.42 1.03
N MET B 116 -2.01 -11.57 0.73
CA MET B 116 -2.97 -11.69 -0.37
C MET B 116 -4.20 -10.82 -0.18
N ALA B 117 -4.77 -10.84 1.02
CA ALA B 117 -5.94 -10.01 1.32
C ALA B 117 -5.58 -8.54 1.25
N THR B 118 -4.35 -8.20 1.61
CA THR B 118 -3.91 -6.83 1.51
C THR B 118 -3.85 -6.41 0.04
N GLN B 119 -3.23 -7.23 -0.80
CA GLN B 119 -3.10 -6.93 -2.24
C GLN B 119 -4.46 -6.75 -2.89
N ILE B 120 -5.39 -7.64 -2.58
CA ILE B 120 -6.70 -7.60 -3.20
C ILE B 120 -7.47 -6.36 -2.75
N SER B 121 -7.51 -6.11 -1.45
CA SER B 121 -8.18 -4.91 -0.95
C SER B 121 -7.48 -3.65 -1.46
N SER B 122 -6.20 -3.73 -1.78
CA SER B 122 -5.55 -2.59 -2.41
C SER B 122 -6.14 -2.31 -3.81
N ALA B 123 -6.30 -3.36 -4.62
CA ALA B 123 -6.88 -3.18 -5.94
C ALA B 123 -8.29 -2.61 -5.79
N MET B 124 -9.04 -3.14 -4.82
CA MET B 124 -10.43 -2.72 -4.65
C MET B 124 -10.59 -1.32 -4.02
N GLU B 125 -9.64 -0.89 -3.20
CA GLU B 125 -9.59 0.52 -2.79
C GLU B 125 -9.43 1.45 -4.01
N TYR B 126 -8.56 1.05 -4.92
CA TYR B 126 -8.33 1.78 -6.15
C TYR B 126 -9.59 1.90 -7.02
N LEU B 127 -10.27 0.78 -7.26
CA LEU B 127 -11.52 0.82 -8.02
C LEU B 127 -12.58 1.65 -7.29
N GLU B 128 -12.60 1.54 -5.96
CA GLU B 128 -13.58 2.29 -5.18
C GLU B 128 -13.33 3.79 -5.36
N LYS B 129 -12.08 4.19 -5.21
CA LYS B 129 -11.73 5.60 -5.36
C LYS B 129 -12.01 6.08 -6.79
N LYS B 130 -11.81 5.19 -7.76
CA LYS B 130 -12.10 5.53 -9.16
C LYS B 130 -13.59 5.48 -9.45
N ASN B 131 -14.36 5.11 -8.44
CA ASN B 131 -15.80 4.90 -8.57
C ASN B 131 -16.17 3.79 -9.58
N PHE B 132 -15.34 2.74 -9.64
CA PHE B 132 -15.71 1.53 -10.35
C PHE B 132 -16.33 0.50 -9.44
N ILE B 133 -17.14 -0.39 -10.01
CA ILE B 133 -17.44 -1.65 -9.34
C ILE B 133 -16.94 -2.81 -10.18
N HIS B 134 -16.64 -3.92 -9.50
CA HIS B 134 -16.09 -5.08 -10.19
C HIS B 134 -17.17 -6.12 -10.55
N ARG B 135 -17.96 -6.49 -9.54
CA ARG B 135 -19.16 -7.30 -9.68
C ARG B 135 -18.92 -8.79 -9.83
N ASP B 136 -17.67 -9.22 -9.68
CA ASP B 136 -17.40 -10.66 -9.72
C ASP B 136 -16.17 -11.04 -8.91
N LEU B 137 -16.02 -10.42 -7.73
CA LEU B 137 -14.92 -10.78 -6.83
C LEU B 137 -15.11 -12.19 -6.30
N ALA B 138 -14.09 -13.02 -6.45
CA ALA B 138 -14.10 -14.37 -5.92
C ALA B 138 -12.68 -14.89 -6.07
N ALA B 139 -12.33 -15.94 -5.33
CA ALA B 139 -10.96 -16.41 -5.39
C ALA B 139 -10.62 -16.96 -6.76
N ARG B 140 -11.57 -17.63 -7.40
CA ARG B 140 -11.35 -18.20 -8.73
C ARG B 140 -11.04 -17.07 -9.73
N ASN B 141 -11.44 -15.84 -9.41
CA ASN B 141 -11.23 -14.73 -10.31
C ASN B 141 -10.05 -13.83 -9.95
N CYS B 142 -9.16 -14.36 -9.10
CA CYS B 142 -7.88 -13.69 -8.87
C CYS B 142 -6.76 -14.55 -9.42
N LEU B 143 -5.63 -13.94 -9.80
CA LEU B 143 -4.53 -14.67 -10.39
C LEU B 143 -3.27 -14.44 -9.53
N VAL B 144 -2.39 -15.43 -9.53
CA VAL B 144 -1.20 -15.46 -8.66
C VAL B 144 0.07 -15.45 -9.51
N GLY B 145 1.01 -14.58 -9.13
CA GLY B 145 2.33 -14.60 -9.75
C GLY B 145 3.42 -15.03 -8.78
N GLU B 146 4.66 -14.68 -9.09
CA GLU B 146 5.80 -15.06 -8.25
C GLU B 146 5.74 -14.40 -6.87
N ASN B 147 6.24 -15.07 -5.85
CA ASN B 147 6.32 -14.45 -4.53
C ASN B 147 4.92 -14.06 -4.04
N HIS B 148 3.94 -14.91 -4.29
CA HIS B 148 2.60 -14.73 -3.76
C HIS B 148 1.99 -13.40 -4.15
N LEU B 149 2.42 -12.87 -5.29
CA LEU B 149 1.79 -11.70 -5.91
C LEU B 149 0.37 -12.07 -6.31
N VAL B 150 -0.60 -11.24 -5.94
CA VAL B 150 -1.99 -11.51 -6.29
C VAL B 150 -2.64 -10.34 -7.03
N LYS B 151 -3.35 -10.65 -8.11
CA LYS B 151 -4.02 -9.61 -8.89
C LYS B 151 -5.47 -10.01 -9.19
N VAL B 152 -6.36 -9.04 -9.06
CA VAL B 152 -7.76 -9.21 -9.39
C VAL B 152 -7.89 -9.26 -10.92
N ALA B 153 -8.73 -10.17 -11.42
CA ALA B 153 -8.95 -10.31 -12.86
C ALA B 153 -10.47 -10.35 -13.16
N ASP B 154 -10.82 -10.62 -14.43
CA ASP B 154 -12.22 -10.87 -14.82
C ASP B 154 -13.10 -9.64 -14.67
N PHE B 155 -12.99 -8.72 -15.63
CA PHE B 155 -13.68 -7.43 -15.56
C PHE B 155 -14.87 -7.35 -16.51
N GLY B 156 -15.33 -8.50 -16.97
CA GLY B 156 -16.45 -8.53 -17.89
C GLY B 156 -17.67 -7.79 -17.36
N LEU B 157 -17.88 -7.83 -16.05
CA LEU B 157 -19.07 -7.26 -15.45
C LEU B 157 -18.77 -5.94 -14.75
N SER B 158 -17.52 -5.50 -14.86
CA SER B 158 -17.11 -4.27 -14.21
C SER B 158 -17.61 -3.01 -14.94
N ARG B 159 -17.67 -1.90 -14.20
CA ARG B 159 -18.54 -0.76 -14.51
C ARG B 159 -17.96 0.51 -13.93
N LEU B 160 -17.87 1.57 -14.72
CA LEU B 160 -17.78 2.90 -14.14
C LEU B 160 -19.16 3.33 -13.68
N MET B 161 -19.28 3.65 -12.40
CA MET B 161 -20.56 4.08 -11.82
C MET B 161 -20.87 5.53 -12.15
N THR B 162 -22.12 5.78 -12.53
CA THR B 162 -22.63 7.14 -12.67
C THR B 162 -23.44 7.53 -11.43
N GLY B 163 -24.04 6.55 -10.78
CA GLY B 163 -24.72 6.79 -9.52
C GLY B 163 -24.14 5.92 -8.41
N ASP B 164 -24.81 5.86 -7.27
CA ASP B 164 -24.36 5.01 -6.19
C ASP B 164 -24.67 3.54 -6.41
N THR B 165 -25.67 3.23 -7.22
CA THR B 165 -26.02 1.84 -7.49
C THR B 165 -26.13 1.54 -8.97
N TYR B 166 -25.79 0.31 -9.34
CA TYR B 166 -26.07 -0.15 -10.70
C TYR B 166 -27.14 -1.22 -10.62
N THR B 167 -28.11 -1.14 -11.53
CA THR B 167 -29.20 -2.10 -11.54
C THR B 167 -29.05 -3.05 -12.71
N ALA B 168 -28.71 -4.30 -12.44
CA ALA B 168 -28.52 -5.28 -13.51
C ALA B 168 -29.87 -5.68 -14.08
N HIS B 169 -29.89 -6.16 -15.31
CA HIS B 169 -31.16 -6.44 -15.97
C HIS B 169 -31.89 -7.62 -15.32
N ALA B 170 -33.21 -7.63 -15.46
CA ALA B 170 -34.03 -8.67 -14.84
C ALA B 170 -33.73 -9.99 -15.52
N GLY B 171 -33.65 -11.06 -14.74
CA GLY B 171 -33.34 -12.36 -15.31
C GLY B 171 -31.86 -12.68 -15.30
N ALA B 172 -31.03 -11.68 -15.00
CA ALA B 172 -29.59 -11.92 -14.84
C ALA B 172 -29.39 -12.87 -13.67
N LYS B 173 -28.68 -13.96 -13.90
CA LYS B 173 -28.38 -14.92 -12.83
C LYS B 173 -27.00 -14.63 -12.26
N PHE B 174 -26.87 -14.65 -10.94
CA PHE B 174 -25.62 -14.31 -10.26
C PHE B 174 -25.04 -15.51 -9.52
N PRO B 175 -23.72 -15.52 -9.26
CA PRO B 175 -23.22 -16.56 -8.35
C PRO B 175 -23.73 -16.28 -6.94
N ILE B 176 -24.68 -17.09 -6.49
CA ILE B 176 -25.40 -16.87 -5.23
C ILE B 176 -24.50 -16.73 -4.00
N LYS B 177 -23.49 -17.57 -3.90
CA LYS B 177 -22.69 -17.61 -2.69
C LYS B 177 -21.83 -16.39 -2.50
N TRP B 178 -21.55 -15.63 -3.56
CA TRP B 178 -20.76 -14.41 -3.45
C TRP B 178 -21.60 -13.13 -3.54
N THR B 179 -22.90 -13.26 -3.75
CA THR B 179 -23.74 -12.12 -4.09
C THR B 179 -24.48 -11.52 -2.90
N ALA B 180 -24.31 -10.22 -2.67
CA ALA B 180 -24.94 -9.55 -1.54
C ALA B 180 -26.47 -9.69 -1.61
N PRO B 181 -27.14 -9.62 -0.45
CA PRO B 181 -28.61 -9.74 -0.32
C PRO B 181 -29.37 -8.74 -1.19
N GLU B 182 -28.97 -7.47 -1.17
CA GLU B 182 -29.66 -6.46 -1.96
C GLU B 182 -29.51 -6.73 -3.48
N SER B 183 -28.43 -7.41 -3.84
CA SER B 183 -28.18 -7.82 -5.23
C SER B 183 -29.05 -9.02 -5.58
N LEU B 184 -29.05 -10.03 -4.71
CA LEU B 184 -29.88 -11.23 -4.94
C LEU B 184 -31.34 -10.80 -5.04
N ALA B 185 -31.76 -9.90 -4.17
CA ALA B 185 -33.17 -9.55 -4.04
C ALA B 185 -33.63 -8.51 -5.06
N TYR B 186 -32.81 -7.48 -5.27
CA TYR B 186 -33.25 -6.31 -6.03
C TYR B 186 -32.38 -5.97 -7.23
N ASN B 187 -31.46 -6.88 -7.57
CA ASN B 187 -30.46 -6.64 -8.60
C ASN B 187 -29.67 -5.34 -8.47
N LYS B 188 -29.52 -4.84 -7.25
CA LYS B 188 -28.74 -3.62 -7.01
C LYS B 188 -27.29 -3.96 -6.65
N PHE B 189 -26.33 -3.35 -7.33
CA PHE B 189 -24.92 -3.58 -7.10
C PHE B 189 -24.27 -2.24 -6.85
N SER B 190 -23.17 -2.22 -6.08
CA SER B 190 -22.51 -0.98 -5.73
C SER B 190 -21.13 -1.40 -5.22
N ILE B 191 -20.34 -0.45 -4.75
CA ILE B 191 -19.03 -0.85 -4.23
C ILE B 191 -19.23 -1.66 -2.93
N LYS B 192 -20.38 -1.45 -2.27
CA LYS B 192 -20.75 -2.20 -1.09
C LYS B 192 -21.12 -3.66 -1.37
N SER B 193 -21.66 -3.96 -2.56
CA SER B 193 -21.84 -5.37 -2.91
C SER B 193 -20.50 -6.03 -3.26
N ASP B 194 -19.53 -5.27 -3.78
CA ASP B 194 -18.16 -5.78 -3.90
C ASP B 194 -17.57 -6.06 -2.50
N VAL B 195 -17.87 -5.21 -1.53
CA VAL B 195 -17.34 -5.42 -0.19
C VAL B 195 -17.89 -6.75 0.35
N TRP B 196 -19.17 -7.04 0.11
CA TRP B 196 -19.77 -8.29 0.57
C TRP B 196 -19.03 -9.47 -0.08
N ALA B 197 -18.83 -9.39 -1.40
CA ALA B 197 -18.14 -10.45 -2.12
C ALA B 197 -16.72 -10.61 -1.57
N PHE B 198 -16.06 -9.49 -1.33
CA PHE B 198 -14.71 -9.54 -0.77
C PHE B 198 -14.71 -10.32 0.56
N GLY B 199 -15.76 -10.12 1.36
CA GLY B 199 -15.89 -10.87 2.59
C GLY B 199 -15.92 -12.37 2.33
N VAL B 200 -16.63 -12.79 1.31
CA VAL B 200 -16.68 -14.21 0.95
C VAL B 200 -15.32 -14.68 0.42
N LEU B 201 -14.68 -13.86 -0.40
CA LEU B 201 -13.33 -14.16 -0.88
C LEU B 201 -12.35 -14.34 0.31
N LEU B 202 -12.51 -13.53 1.35
CA LEU B 202 -11.70 -13.67 2.56
C LEU B 202 -11.85 -15.06 3.18
N TRP B 203 -13.08 -15.55 3.20
CA TRP B 203 -13.39 -16.86 3.76
C TRP B 203 -12.78 -17.97 2.90
N GLU B 204 -12.83 -17.82 1.59
CA GLU B 204 -12.11 -18.74 0.69
C GLU B 204 -10.62 -18.76 0.98
N ILE B 205 -10.03 -17.59 1.18
CA ILE B 205 -8.60 -17.52 1.48
C ILE B 205 -8.33 -18.21 2.82
N ALA B 206 -9.12 -17.85 3.85
CA ALA B 206 -8.91 -18.33 5.21
C ALA B 206 -8.99 -19.85 5.28
N THR B 207 -9.85 -20.43 4.44
CA THR B 207 -10.07 -21.87 4.46
C THR B 207 -9.21 -22.58 3.45
N TYR B 208 -8.30 -21.86 2.81
CA TYR B 208 -7.52 -22.41 1.70
C TYR B 208 -8.41 -23.04 0.61
N GLY B 209 -9.48 -22.33 0.26
CA GLY B 209 -10.23 -22.66 -0.94
C GLY B 209 -11.41 -23.62 -0.79
N MET B 210 -11.98 -23.72 0.41
CA MET B 210 -13.23 -24.45 0.56
C MET B 210 -14.34 -23.72 -0.19
N SER B 211 -15.32 -24.47 -0.67
CA SER B 211 -16.52 -23.94 -1.30
C SER B 211 -17.43 -23.26 -0.25
N PRO B 212 -17.90 -22.03 -0.53
CA PRO B 212 -18.70 -21.32 0.47
C PRO B 212 -19.99 -22.05 0.87
N TYR B 213 -20.50 -21.71 2.05
CA TYR B 213 -21.72 -22.31 2.61
C TYR B 213 -21.76 -23.82 2.43
N PRO B 214 -20.81 -24.52 3.04
CA PRO B 214 -20.75 -25.98 2.97
C PRO B 214 -22.06 -26.67 3.41
N GLY B 215 -22.61 -27.50 2.51
CA GLY B 215 -23.80 -28.29 2.83
C GLY B 215 -25.11 -27.63 2.44
N ILE B 216 -25.18 -26.31 2.65
CA ILE B 216 -26.37 -25.53 2.36
C ILE B 216 -26.66 -25.51 0.87
N ASP B 217 -27.90 -25.81 0.51
CA ASP B 217 -28.35 -25.67 -0.88
C ASP B 217 -28.44 -24.19 -1.23
N LEU B 218 -28.15 -23.87 -2.48
CA LEU B 218 -28.12 -22.46 -2.91
C LEU B 218 -29.44 -21.77 -2.61
N SER B 219 -30.53 -22.54 -2.71
CA SER B 219 -31.89 -22.00 -2.63
C SER B 219 -32.23 -21.48 -1.23
N GLN B 220 -31.42 -21.83 -0.24
CA GLN B 220 -31.71 -21.49 1.14
C GLN B 220 -30.85 -20.33 1.64
N VAL B 221 -29.91 -19.88 0.80
CA VAL B 221 -28.92 -18.90 1.25
C VAL B 221 -29.54 -17.57 1.65
N TYR B 222 -30.38 -17.01 0.80
CA TYR B 222 -30.92 -15.68 1.08
C TYR B 222 -31.73 -15.69 2.39
N GLU B 223 -32.58 -16.71 2.54
CA GLU B 223 -33.37 -16.86 3.77
C GLU B 223 -32.47 -16.85 5.00
N LEU B 224 -31.41 -17.65 4.94
CA LEU B 224 -30.50 -17.79 6.07
C LEU B 224 -29.82 -16.47 6.40
N LEU B 225 -29.36 -15.76 5.38
CA LEU B 225 -28.76 -14.44 5.58
C LEU B 225 -29.78 -13.52 6.25
N GLU B 226 -31.02 -13.63 5.79
CA GLU B 226 -32.11 -12.78 6.29
C GLU B 226 -32.32 -13.02 7.79
N LYS B 227 -32.03 -14.24 8.22
CA LYS B 227 -32.08 -14.61 9.64
C LYS B 227 -30.77 -14.29 10.36
N ASP B 228 -29.92 -13.51 9.69
CA ASP B 228 -28.59 -13.16 10.16
C ASP B 228 -27.65 -14.34 10.39
N TYR B 229 -27.92 -15.48 9.75
CA TYR B 229 -26.92 -16.54 9.63
C TYR B 229 -25.74 -16.07 8.75
N ARG B 230 -24.52 -16.27 9.25
CA ARG B 230 -23.33 -16.08 8.44
C ARG B 230 -22.43 -17.33 8.53
N MET B 231 -21.56 -17.53 7.53
CA MET B 231 -20.53 -18.56 7.63
C MET B 231 -19.72 -18.49 8.92
N GLU B 232 -19.41 -19.68 9.46
CA GLU B 232 -18.66 -19.80 10.71
C GLU B 232 -17.22 -19.32 10.54
N ARG B 233 -16.58 -18.90 11.62
CA ARG B 233 -15.16 -18.61 11.57
C ARG B 233 -14.37 -19.87 11.23
N PRO B 234 -13.62 -19.85 10.13
CA PRO B 234 -12.84 -21.02 9.73
C PRO B 234 -11.81 -21.37 10.77
N GLU B 235 -11.52 -22.67 10.88
CA GLU B 235 -10.48 -23.16 11.77
C GLU B 235 -9.18 -22.41 11.52
N GLY B 236 -8.62 -21.82 12.58
CA GLY B 236 -7.33 -21.16 12.44
C GLY B 236 -7.42 -19.70 12.00
N CYS B 237 -8.61 -19.29 11.58
CA CYS B 237 -8.79 -17.93 11.13
C CYS B 237 -8.70 -16.98 12.33
N PRO B 238 -7.80 -16.00 12.25
CA PRO B 238 -7.69 -15.01 13.32
C PRO B 238 -8.99 -14.23 13.59
N GLU B 239 -9.26 -14.02 14.87
CA GLU B 239 -10.52 -13.42 15.30
C GLU B 239 -10.74 -12.09 14.62
N LYS B 240 -9.70 -11.27 14.51
CA LYS B 240 -9.86 -9.92 13.95
C LYS B 240 -10.16 -10.00 12.45
N VAL B 241 -9.66 -11.05 11.80
CA VAL B 241 -9.94 -11.24 10.39
C VAL B 241 -11.41 -11.60 10.25
N TYR B 242 -11.87 -12.55 11.07
CA TYR B 242 -13.25 -12.98 11.01
C TYR B 242 -14.20 -11.81 11.30
N GLU B 243 -13.79 -10.92 12.19
CA GLU B 243 -14.59 -9.73 12.45
C GLU B 243 -14.69 -8.83 11.21
N LEU B 244 -13.62 -8.76 10.42
CA LEU B 244 -13.69 -7.98 9.19
C LEU B 244 -14.62 -8.64 8.19
N MET B 245 -14.58 -9.97 8.10
CA MET B 245 -15.54 -10.71 7.30
C MET B 245 -16.95 -10.32 7.69
N ARG B 246 -17.21 -10.38 8.99
CA ARG B 246 -18.54 -10.09 9.52
C ARG B 246 -18.97 -8.67 9.19
N ALA B 247 -18.03 -7.72 9.27
CA ALA B 247 -18.35 -6.35 8.88
C ALA B 247 -18.72 -6.27 7.39
N CYS B 248 -18.02 -7.05 6.56
CA CYS B 248 -18.29 -7.09 5.12
C CYS B 248 -19.65 -7.70 4.86
N TRP B 249 -20.12 -8.52 5.78
CA TRP B 249 -21.40 -9.19 5.60
C TRP B 249 -22.51 -8.55 6.42
N GLN B 250 -22.33 -7.29 6.79
CA GLN B 250 -23.41 -6.53 7.40
C GLN B 250 -24.56 -6.48 6.39
N TRP B 251 -25.78 -6.66 6.89
CA TRP B 251 -26.94 -6.77 6.00
C TRP B 251 -27.16 -5.48 5.22
N ASN B 252 -27.05 -4.35 5.89
CA ASN B 252 -27.23 -3.06 5.23
C ASN B 252 -25.91 -2.65 4.59
N PRO B 253 -25.93 -2.38 3.26
CA PRO B 253 -24.74 -1.90 2.53
C PRO B 253 -24.01 -0.76 3.23
N SER B 254 -24.74 0.23 3.75
CA SER B 254 -24.05 1.37 4.34
C SER B 254 -23.33 0.99 5.63
N ASP B 255 -23.67 -0.16 6.21
CA ASP B 255 -23.00 -0.64 7.41
C ASP B 255 -21.66 -1.34 7.13
N ARG B 256 -21.44 -1.77 5.88
CA ARG B 256 -20.18 -2.39 5.51
C ARG B 256 -19.05 -1.37 5.40
N PRO B 257 -17.83 -1.77 5.78
CA PRO B 257 -16.69 -0.85 5.65
C PRO B 257 -16.39 -0.51 4.18
N SER B 258 -15.64 0.56 3.98
CA SER B 258 -15.11 0.89 2.65
C SER B 258 -13.89 0.02 2.39
N PHE B 259 -13.44 -0.06 1.14
CA PHE B 259 -12.23 -0.81 0.86
C PHE B 259 -11.03 -0.03 1.38
N ALA B 260 -11.17 1.29 1.44
CA ALA B 260 -10.11 2.09 2.05
C ALA B 260 -9.86 1.62 3.48
N GLU B 261 -10.93 1.44 4.26
CA GLU B 261 -10.85 0.93 5.62
C GLU B 261 -10.34 -0.50 5.69
N ILE B 262 -10.89 -1.37 4.85
CA ILE B 262 -10.48 -2.76 4.84
C ILE B 262 -8.99 -2.85 4.53
N HIS B 263 -8.56 -2.11 3.51
CA HIS B 263 -7.16 -2.14 3.16
C HIS B 263 -6.21 -1.69 4.26
N GLN B 264 -6.48 -0.58 4.92
CA GLN B 264 -5.58 -0.16 6.01
C GLN B 264 -5.58 -1.17 7.16
N ALA B 265 -6.75 -1.76 7.43
CA ALA B 265 -6.83 -2.80 8.45
C ALA B 265 -5.95 -4.00 8.10
N PHE B 266 -6.01 -4.48 6.86
CA PHE B 266 -5.23 -5.65 6.49
C PHE B 266 -3.75 -5.35 6.41
N GLU B 267 -3.41 -4.18 5.87
CA GLU B 267 -2.02 -3.76 5.83
C GLU B 267 -1.46 -3.72 7.24
N THR B 268 -2.24 -3.16 8.17
CA THR B 268 -1.86 -3.08 9.57
C THR B 268 -1.64 -4.45 10.18
N MET B 269 -2.58 -5.36 9.95
CA MET B 269 -2.42 -6.73 10.43
C MET B 269 -1.23 -7.40 9.78
N PHE B 270 -1.03 -7.15 8.49
CA PHE B 270 0.12 -7.70 7.77
C PHE B 270 1.44 -7.18 8.35
N GLN B 271 1.50 -5.88 8.67
CA GLN B 271 2.70 -5.27 9.24
C GLN B 271 2.98 -5.85 10.63
N GLU B 272 1.93 -6.15 11.37
CA GLU B 272 2.09 -6.64 12.74
C GLU B 272 2.50 -8.11 12.80
N SER B 273 2.04 -8.89 11.83
CA SER B 273 2.27 -10.33 11.85
C SER B 273 3.54 -10.70 11.11
N SER B 274 4.08 -9.76 10.35
CA SER B 274 5.41 -9.91 9.78
C SER B 274 6.44 -9.54 10.86
#